data_1XIU
#
_entry.id   1XIU
#
_cell.length_a   87.100
_cell.length_b   87.100
_cell.length_c   320.400
_cell.angle_alpha   90.00
_cell.angle_beta   90.00
_cell.angle_gamma   120.00
#
_symmetry.space_group_name_H-M   'P 61 2 2'
#
loop_
_entity.id
_entity.type
_entity.pdbx_description
1 polymer 'RXR-like protein'
2 polymer 'Nuclear receptor coactivator 1'
3 non-polymer '(9cis)-retinoic acid'
4 water water
#
loop_
_entity_poly.entity_id
_entity_poly.type
_entity_poly.pdbx_seq_one_letter_code
_entity_poly.pdbx_strand_id
1 'polypeptide(L)'
;GANNDMPVEQILEAELAVDPKIDTYIDAQKDPVTNICQAADKQLFTLVEWAKRIPHFTELPLEDQVILLRAGWNELLIAG
FSHRSIMAKDGILLATGLHVHRSSAHQAGVGTIFDRVLTELVAKMRDMKMDKTELGCLRAVVLFNPDAKGLTAVQEVEQL
REKVYASLEEYTKSRYPEEPGRFAKLLLRLPALRSIGLKCLEHLFFFKLIGDQPIDTFLMEMLENPSPAT
;
A,B
2 'polypeptide(L)' RHKILHRLLQEGSPS E,F
#
# COMPACT_ATOMS: atom_id res chain seq x y z
N ASN A 4 9.68 22.82 14.34
CA ASN A 4 10.26 22.18 13.11
C ASN A 4 11.26 20.98 13.32
N ASP A 5 12.54 21.18 12.97
CA ASP A 5 13.58 20.16 13.04
C ASP A 5 13.67 19.15 11.88
N MET A 6 12.61 19.06 11.06
CA MET A 6 12.65 18.29 9.83
C MET A 6 12.31 19.18 8.62
N PRO A 7 13.28 19.98 8.16
CA PRO A 7 12.95 21.04 7.20
C PRO A 7 12.84 20.53 5.79
N VAL A 8 11.76 20.96 5.18
CA VAL A 8 11.54 20.56 3.82
C VAL A 8 12.67 21.03 2.94
N GLU A 9 13.32 22.19 3.24
CA GLU A 9 14.42 22.64 2.38
C GLU A 9 15.57 21.62 2.25
N GLN A 10 15.92 20.91 3.32
CA GLN A 10 17.07 20.02 3.25
C GLN A 10 16.61 18.76 2.53
N ILE A 11 15.31 18.48 2.65
CA ILE A 11 14.79 17.34 1.95
C ILE A 11 14.87 17.61 0.44
N LEU A 12 14.38 18.80 0.01
CA LEU A 12 14.60 19.30 -1.35
C LEU A 12 16.04 19.20 -1.72
N GLU A 13 16.95 19.65 -0.86
CA GLU A 13 18.37 19.49 -1.16
C GLU A 13 18.75 18.07 -1.48
N ALA A 14 18.19 17.13 -0.68
CA ALA A 14 18.63 15.77 -0.87
C ALA A 14 18.23 15.21 -2.25
N GLU A 15 16.98 15.50 -2.67
CA GLU A 15 16.53 15.15 -4.01
C GLU A 15 17.43 15.78 -5.05
N LEU A 16 17.55 17.13 -5.01
CA LEU A 16 18.36 17.84 -6.02
C LEU A 16 19.73 17.24 -6.12
N ALA A 17 20.33 16.91 -5.01
CA ALA A 17 21.67 16.38 -5.08
C ALA A 17 21.72 15.05 -5.80
N VAL A 18 20.61 14.35 -5.96
CA VAL A 18 20.73 13.12 -6.68
C VAL A 18 20.04 13.05 -8.05
N ASP A 19 19.51 14.14 -8.59
CA ASP A 19 19.12 14.09 -10.02
C ASP A 19 20.22 13.59 -10.90
N PRO A 20 19.90 12.72 -11.85
CA PRO A 20 20.99 12.36 -12.76
C PRO A 20 21.31 13.58 -13.70
N LYS A 21 22.55 13.67 -14.15
CA LYS A 21 22.99 14.87 -14.89
C LYS A 21 22.54 14.49 -16.30
N ILE A 22 21.47 15.10 -16.80
CA ILE A 22 20.81 14.41 -17.88
C ILE A 22 20.45 15.14 -19.20
N ASP A 23 21.28 14.78 -20.19
CA ASP A 23 21.33 15.02 -21.67
C ASP A 23 19.94 15.02 -22.50
N THR A 24 19.66 13.84 -23.08
CA THR A 24 18.53 13.73 -23.86
C THR A 24 17.73 12.57 -23.44
N TYR A 25 18.23 11.36 -23.47
CA TYR A 25 17.30 10.17 -23.25
C TYR A 25 17.13 9.69 -24.63
N ILE A 26 17.85 8.62 -24.95
CA ILE A 26 17.60 7.83 -26.13
C ILE A 26 16.71 6.67 -25.74
N ASP A 27 15.89 6.19 -26.66
CA ASP A 27 15.26 4.93 -26.45
C ASP A 27 16.18 3.81 -26.04
N ALA A 28 15.60 2.74 -25.53
CA ALA A 28 16.06 1.46 -25.93
C ALA A 28 14.76 0.72 -26.31
N GLN A 29 14.89 -0.26 -27.20
CA GLN A 29 13.77 -1.19 -27.37
C GLN A 29 14.31 -2.60 -27.23
N LYS A 30 15.63 -2.67 -26.99
CA LYS A 30 16.36 -3.90 -27.22
C LYS A 30 16.30 -4.81 -25.96
N ASP A 31 16.79 -4.43 -24.80
CA ASP A 31 16.53 -5.38 -23.68
C ASP A 31 16.08 -4.55 -22.54
N PRO A 32 14.86 -4.11 -22.59
CA PRO A 32 14.44 -3.11 -21.65
C PRO A 32 14.62 -3.55 -20.23
N VAL A 33 14.27 -4.80 -19.93
CA VAL A 33 14.36 -5.32 -18.58
C VAL A 33 15.77 -5.22 -18.02
N THR A 34 16.74 -5.56 -18.87
CA THR A 34 18.11 -5.43 -18.45
C THR A 34 18.50 -4.01 -18.05
N ASN A 35 18.12 -3.09 -18.96
CA ASN A 35 18.37 -1.67 -18.82
C ASN A 35 17.72 -1.14 -17.56
N ILE A 36 16.52 -1.59 -17.25
CA ILE A 36 15.93 -1.07 -16.12
C ILE A 36 16.68 -1.67 -14.96
N CYS A 37 17.11 -2.94 -15.00
CA CYS A 37 17.82 -3.44 -13.79
C CYS A 37 19.18 -2.82 -13.57
N GLN A 38 19.87 -2.50 -14.65
CA GLN A 38 21.14 -1.73 -14.51
C GLN A 38 20.93 -0.35 -13.97
N ALA A 39 19.85 0.32 -14.38
CA ALA A 39 19.63 1.64 -13.87
C ALA A 39 19.45 1.51 -12.31
N ALA A 40 18.64 0.52 -11.91
CA ALA A 40 18.38 0.29 -10.54
C ALA A 40 19.68 0.08 -9.77
N ASP A 41 20.49 -0.86 -10.24
CA ASP A 41 21.77 -1.09 -9.54
C ASP A 41 22.53 0.20 -9.38
N LYS A 42 22.72 0.89 -10.49
CA LYS A 42 23.30 2.22 -10.45
C LYS A 42 22.64 3.17 -9.42
N GLN A 43 21.32 3.28 -9.42
CA GLN A 43 20.73 4.19 -8.51
C GLN A 43 20.86 3.73 -7.08
N LEU A 44 21.08 2.46 -6.84
CA LEU A 44 21.19 2.05 -5.44
C LEU A 44 22.31 2.78 -4.70
N PHE A 45 23.48 2.94 -5.36
CA PHE A 45 24.58 3.77 -4.80
C PHE A 45 24.13 5.15 -4.51
N THR A 46 23.47 5.77 -5.46
CA THR A 46 23.05 7.09 -5.13
C THR A 46 21.90 7.18 -4.13
N LEU A 47 21.18 6.06 -3.95
CA LEU A 47 20.08 6.01 -2.98
C LEU A 47 20.65 6.18 -1.62
N VAL A 48 21.81 5.55 -1.37
CA VAL A 48 22.44 5.66 -0.06
C VAL A 48 22.83 7.08 0.26
N GLU A 49 23.43 7.74 -0.72
CA GLU A 49 23.87 9.11 -0.54
C GLU A 49 22.69 10.00 -0.23
N TRP A 50 21.58 9.77 -0.95
CA TRP A 50 20.32 10.47 -0.69
C TRP A 50 19.89 10.31 0.75
N ALA A 51 19.94 9.06 1.24
CA ALA A 51 19.50 8.76 2.60
C ALA A 51 20.37 9.44 3.63
N LYS A 52 21.70 9.41 3.36
CA LYS A 52 22.71 10.00 4.23
C LYS A 52 22.44 11.48 4.36
N ARG A 53 21.70 12.04 3.42
CA ARG A 53 21.40 13.47 3.41
C ARG A 53 19.99 13.83 3.96
N ILE A 54 19.17 12.85 4.28
CA ILE A 54 17.90 13.09 4.93
C ILE A 54 18.12 13.36 6.47
N PRO A 55 17.55 14.46 7.01
CA PRO A 55 18.01 14.84 8.36
C PRO A 55 17.78 13.71 9.35
N HIS A 56 18.79 13.46 10.16
CA HIS A 56 18.71 12.56 11.26
C HIS A 56 18.94 11.16 10.84
N PHE A 57 18.84 10.86 9.54
CA PHE A 57 18.95 9.46 9.17
C PHE A 57 20.19 8.78 9.75
N THR A 58 21.35 9.42 9.56
CA THR A 58 22.65 8.86 10.01
C THR A 58 22.88 8.89 11.53
N GLU A 59 22.03 9.62 12.26
CA GLU A 59 22.07 9.44 13.71
C GLU A 59 21.20 8.26 14.23
N LEU A 60 20.49 7.50 13.37
CA LEU A 60 19.87 6.21 13.74
C LEU A 60 20.99 5.22 13.94
N PRO A 61 20.77 4.13 14.67
CA PRO A 61 21.84 3.12 14.66
C PRO A 61 22.16 2.60 13.27
N LEU A 62 23.40 2.17 13.08
CA LEU A 62 23.87 1.71 11.79
C LEU A 62 22.97 0.61 11.36
N GLU A 63 22.73 -0.30 12.28
CA GLU A 63 21.89 -1.42 12.03
C GLU A 63 20.51 -1.02 11.47
N ASP A 64 19.93 0.03 12.04
CA ASP A 64 18.64 0.47 11.52
C ASP A 64 18.77 1.15 10.15
N GLN A 65 19.83 1.89 9.95
CA GLN A 65 19.96 2.49 8.68
C GLN A 65 19.94 1.46 7.59
N VAL A 66 20.54 0.30 7.82
CA VAL A 66 20.54 -0.74 6.81
C VAL A 66 19.16 -1.46 6.70
N ILE A 67 18.48 -1.63 7.83
CA ILE A 67 17.16 -2.24 7.75
C ILE A 67 16.21 -1.40 6.90
N LEU A 68 16.20 -0.10 7.14
CA LEU A 68 15.34 0.88 6.42
C LEU A 68 15.55 0.88 4.89
N LEU A 69 16.81 0.75 4.51
CA LEU A 69 17.15 0.83 3.15
C LEU A 69 16.97 -0.52 2.51
N ARG A 70 17.24 -1.61 3.21
CA ARG A 70 16.87 -2.90 2.64
C ARG A 70 15.34 -2.99 2.53
N ALA A 71 14.60 -2.47 3.49
CA ALA A 71 13.16 -2.56 3.39
C ALA A 71 12.55 -1.57 2.33
N GLY A 72 13.19 -0.42 2.05
CA GLY A 72 12.56 0.67 1.36
C GLY A 72 13.04 0.85 -0.06
N TRP A 73 14.11 0.20 -0.47
CA TRP A 73 14.71 0.69 -1.70
C TRP A 73 13.84 0.58 -2.92
N ASN A 74 13.22 -0.54 -3.08
CA ASN A 74 12.48 -0.72 -4.28
C ASN A 74 11.39 0.39 -4.32
N GLU A 75 10.73 0.71 -3.22
CA GLU A 75 9.70 1.72 -3.34
C GLU A 75 10.33 3.07 -3.55
N LEU A 76 11.45 3.35 -2.87
CA LEU A 76 12.24 4.53 -3.10
C LEU A 76 12.68 4.73 -4.58
N LEU A 77 13.11 3.66 -5.26
CA LEU A 77 13.57 3.79 -6.62
C LEU A 77 12.36 3.96 -7.52
N ILE A 78 11.25 3.22 -7.29
CA ILE A 78 10.07 3.35 -8.13
C ILE A 78 9.55 4.79 -8.01
N ALA A 79 9.50 5.35 -6.80
CA ALA A 79 8.97 6.69 -6.66
C ALA A 79 9.85 7.61 -7.45
N GLY A 80 11.15 7.37 -7.41
CA GLY A 80 12.09 8.29 -8.06
C GLY A 80 11.90 8.32 -9.57
N PHE A 81 11.87 7.15 -10.21
CA PHE A 81 11.81 7.17 -11.65
C PHE A 81 10.39 7.56 -12.03
N SER A 82 9.41 7.28 -11.22
CA SER A 82 8.09 7.72 -11.59
C SER A 82 8.02 9.22 -11.66
N HIS A 83 8.54 9.91 -10.65
CA HIS A 83 8.44 11.34 -10.67
C HIS A 83 9.26 11.91 -11.82
N ARG A 84 10.43 11.39 -12.08
CA ARG A 84 11.16 11.82 -13.26
C ARG A 84 10.34 11.66 -14.57
N SER A 85 9.45 10.69 -14.63
CA SER A 85 9.03 10.25 -15.91
C SER A 85 7.80 11.03 -16.30
N ILE A 86 7.39 11.98 -15.45
CA ILE A 86 6.24 12.77 -15.70
C ILE A 86 6.30 13.47 -17.07
N MET A 87 7.48 13.91 -17.48
CA MET A 87 7.54 14.62 -18.75
C MET A 87 7.50 13.71 -19.97
N ALA A 88 7.67 12.41 -19.81
CA ALA A 88 7.45 11.48 -20.93
C ALA A 88 5.94 11.18 -21.14
N LYS A 89 5.54 10.67 -22.30
CA LYS A 89 4.16 10.26 -22.45
C LYS A 89 4.28 8.75 -22.56
N ASP A 90 3.62 7.99 -21.70
CA ASP A 90 3.75 6.51 -21.89
C ASP A 90 5.14 5.86 -21.94
N GLY A 91 6.03 6.32 -21.09
CA GLY A 91 7.34 5.71 -21.06
C GLY A 91 7.91 6.06 -19.74
N ILE A 92 9.01 5.46 -19.37
CA ILE A 92 9.66 5.85 -18.18
C ILE A 92 11.11 6.22 -18.55
N LEU A 93 11.63 7.17 -17.79
CA LEU A 93 12.98 7.70 -18.02
C LEU A 93 13.91 7.16 -16.95
N LEU A 94 14.85 6.32 -17.37
CA LEU A 94 15.88 5.78 -16.44
C LEU A 94 17.03 6.74 -16.20
N ALA A 95 17.68 6.56 -15.07
CA ALA A 95 18.83 7.38 -14.67
C ALA A 95 20.01 7.18 -15.59
N THR A 96 20.03 6.12 -16.36
CA THR A 96 21.15 5.93 -17.27
C THR A 96 20.92 6.77 -18.55
N GLY A 97 19.83 7.58 -18.59
CA GLY A 97 19.51 8.43 -19.74
C GLY A 97 18.84 7.62 -20.83
N LEU A 98 18.21 6.48 -20.46
CA LEU A 98 17.45 5.69 -21.47
C LEU A 98 15.98 5.91 -21.23
N HIS A 99 15.17 5.80 -22.29
CA HIS A 99 13.73 5.99 -22.20
C HIS A 99 13.18 4.67 -22.59
N VAL A 100 12.26 4.13 -21.78
CA VAL A 100 11.70 2.84 -22.10
C VAL A 100 10.24 3.07 -22.38
N HIS A 101 9.87 2.65 -23.59
CA HIS A 101 8.53 2.90 -24.06
C HIS A 101 7.56 1.82 -23.55
N ARG A 102 6.37 2.26 -23.21
CA ARG A 102 5.33 1.34 -22.91
C ARG A 102 5.26 0.13 -23.92
N SER A 103 5.43 0.40 -25.21
CA SER A 103 5.39 -0.66 -26.20
C SER A 103 6.57 -1.64 -26.00
N SER A 104 7.77 -1.17 -25.62
CA SER A 104 8.83 -2.15 -25.28
C SER A 104 8.50 -2.98 -24.03
N ALA A 105 7.91 -2.32 -23.05
CA ALA A 105 7.66 -2.99 -21.86
C ALA A 105 6.69 -4.17 -22.14
N HIS A 106 5.73 -4.01 -23.10
CA HIS A 106 4.75 -5.12 -23.32
C HIS A 106 5.49 -6.16 -24.13
N GLN A 107 6.30 -5.71 -25.06
CA GLN A 107 7.00 -6.68 -25.82
C GLN A 107 7.89 -7.54 -24.96
N ALA A 108 8.43 -6.99 -23.85
CA ALA A 108 9.39 -7.71 -23.03
C ALA A 108 8.67 -8.50 -22.01
N GLY A 109 7.36 -8.59 -22.08
CA GLY A 109 6.65 -9.30 -20.99
C GLY A 109 6.42 -8.64 -19.62
N VAL A 110 6.76 -7.36 -19.42
CA VAL A 110 6.38 -6.76 -18.15
C VAL A 110 5.31 -5.68 -18.34
N GLY A 111 4.56 -5.76 -19.44
CA GLY A 111 3.58 -4.75 -19.75
C GLY A 111 2.63 -4.42 -18.61
N THR A 112 2.29 -5.43 -17.87
CA THR A 112 1.20 -5.19 -16.98
C THR A 112 1.62 -4.44 -15.75
N ILE A 113 2.79 -4.70 -15.19
CA ILE A 113 3.27 -3.92 -14.03
C ILE A 113 3.73 -2.50 -14.46
N PHE A 114 4.39 -2.42 -15.61
CA PHE A 114 4.68 -1.16 -16.25
C PHE A 114 3.47 -0.26 -16.38
N ASP A 115 2.34 -0.78 -16.85
CA ASP A 115 1.17 0.05 -17.00
C ASP A 115 0.67 0.59 -15.70
N ARG A 116 0.80 -0.25 -14.66
CA ARG A 116 0.48 0.18 -13.33
C ARG A 116 1.33 1.32 -12.87
N VAL A 117 2.64 1.31 -13.19
CA VAL A 117 3.48 2.42 -12.86
C VAL A 117 2.98 3.70 -13.56
N LEU A 118 2.76 3.64 -14.88
CA LEU A 118 2.17 4.79 -15.63
C LEU A 118 0.82 5.28 -15.08
N THR A 119 -0.04 4.38 -14.72
CA THR A 119 -1.37 4.87 -14.42
C THR A 119 -1.49 5.34 -13.00
N GLU A 120 -0.88 4.62 -12.09
CA GLU A 120 -1.21 4.80 -10.69
C GLU A 120 -0.17 5.74 -10.08
N LEU A 121 0.98 5.89 -10.75
CA LEU A 121 2.06 6.75 -10.21
C LEU A 121 2.35 7.92 -11.11
N VAL A 122 2.87 7.65 -12.30
CA VAL A 122 3.26 8.70 -13.18
C VAL A 122 2.10 9.58 -13.53
N ALA A 123 0.99 8.98 -13.99
CA ALA A 123 -0.10 9.84 -14.49
C ALA A 123 -0.62 10.72 -13.34
N LYS A 124 -0.58 10.26 -12.10
CA LYS A 124 -1.22 10.99 -11.05
C LYS A 124 -0.27 11.99 -10.53
N MET A 125 1.03 11.68 -10.63
CA MET A 125 2.02 12.61 -10.22
C MET A 125 1.87 13.75 -11.21
N ARG A 126 1.62 13.40 -12.47
CA ARG A 126 1.53 14.43 -13.51
C ARG A 126 0.27 15.22 -13.34
N ASP A 127 -0.89 14.58 -13.23
CA ASP A 127 -2.22 15.32 -13.13
C ASP A 127 -2.20 16.35 -12.00
N MET A 128 -1.61 16.05 -10.86
CA MET A 128 -1.58 17.03 -9.77
C MET A 128 -0.27 17.89 -9.75
N LYS A 129 0.63 17.68 -10.71
CA LYS A 129 1.90 18.40 -10.71
C LYS A 129 2.59 18.26 -9.35
N MET A 130 2.81 17.04 -8.89
CA MET A 130 3.57 16.85 -7.70
C MET A 130 4.99 17.46 -7.88
N ASP A 131 5.39 18.33 -6.95
CA ASP A 131 6.74 18.92 -7.02
C ASP A 131 7.89 18.19 -6.29
N LYS A 132 9.13 18.59 -6.53
CA LYS A 132 10.24 17.87 -5.96
C LYS A 132 10.18 17.84 -4.45
N THR A 133 9.62 18.87 -3.83
CA THR A 133 9.53 18.88 -2.37
C THR A 133 8.56 17.81 -1.90
N GLU A 134 7.40 17.72 -2.53
CA GLU A 134 6.42 16.69 -2.13
C GLU A 134 6.99 15.29 -2.40
N LEU A 135 7.71 15.12 -3.49
CA LEU A 135 8.24 13.84 -3.77
C LEU A 135 9.27 13.46 -2.71
N GLY A 136 10.16 14.40 -2.37
CA GLY A 136 11.23 14.11 -1.36
C GLY A 136 10.63 13.75 0.01
N CYS A 137 9.59 14.47 0.39
CA CYS A 137 8.88 14.16 1.59
C CYS A 137 8.27 12.78 1.51
N LEU A 138 7.51 12.48 0.42
CA LEU A 138 6.95 11.17 0.31
C LEU A 138 8.05 10.13 0.42
N ARG A 139 9.18 10.37 -0.24
CA ARG A 139 10.21 9.35 -0.14
C ARG A 139 10.77 9.24 1.28
N ALA A 140 10.80 10.35 1.98
CA ALA A 140 11.32 10.30 3.31
C ALA A 140 10.38 9.53 4.20
N VAL A 141 9.07 9.77 4.06
CA VAL A 141 8.10 9.01 4.80
C VAL A 141 8.32 7.51 4.54
N VAL A 142 8.54 7.14 3.28
CA VAL A 142 8.73 5.76 3.00
C VAL A 142 10.05 5.29 3.65
N LEU A 143 11.07 6.15 3.62
CA LEU A 143 12.36 5.73 4.12
C LEU A 143 12.19 5.47 5.59
N PHE A 144 11.41 6.32 6.26
CA PHE A 144 11.14 6.15 7.75
C PHE A 144 9.98 5.19 8.06
N ASN A 145 10.18 3.94 7.71
CA ASN A 145 9.11 3.03 7.87
C ASN A 145 9.14 2.35 9.24
N PRO A 146 8.32 2.78 10.19
CA PRO A 146 8.49 2.15 11.53
C PRO A 146 7.93 0.70 11.58
N ASP A 147 7.36 0.19 10.50
CA ASP A 147 6.97 -1.22 10.52
C ASP A 147 8.07 -2.13 10.08
N ALA A 148 9.24 -1.64 9.77
CA ALA A 148 10.18 -2.54 9.09
C ALA A 148 10.75 -3.58 10.09
N LYS A 149 10.95 -4.81 9.70
CA LYS A 149 11.27 -5.87 10.75
C LYS A 149 12.64 -5.66 11.40
N GLY A 150 12.73 -5.87 12.70
CA GLY A 150 14.06 -6.01 13.30
C GLY A 150 14.64 -4.68 13.68
N LEU A 151 13.88 -3.62 13.49
CA LEU A 151 14.36 -2.30 13.91
C LEU A 151 14.70 -2.27 15.41
N THR A 152 15.78 -1.61 15.81
CA THR A 152 15.93 -1.27 17.24
C THR A 152 15.19 0.03 17.61
N ALA A 153 15.50 1.14 16.94
CA ALA A 153 15.00 2.42 17.36
C ALA A 153 13.64 2.68 16.76
N VAL A 154 12.74 1.68 16.90
CA VAL A 154 11.36 1.78 16.43
C VAL A 154 10.80 3.18 16.65
N GLN A 155 10.95 3.70 17.85
CA GLN A 155 10.14 4.77 18.24
C GLN A 155 10.75 5.99 17.66
N GLU A 156 12.08 5.92 17.47
CA GLU A 156 12.84 6.95 16.82
C GLU A 156 12.36 7.14 15.33
N VAL A 157 12.25 6.06 14.57
CA VAL A 157 11.74 6.12 13.21
C VAL A 157 10.31 6.63 13.26
N GLU A 158 9.55 6.19 14.23
CA GLU A 158 8.21 6.67 14.26
C GLU A 158 8.23 8.15 14.39
N GLN A 159 9.15 8.69 15.21
CA GLN A 159 9.11 10.15 15.44
C GLN A 159 9.57 10.95 14.18
N LEU A 160 10.57 10.41 13.49
CA LEU A 160 11.04 10.93 12.23
C LEU A 160 10.01 10.90 11.13
N ARG A 161 9.22 9.84 11.06
CA ARG A 161 8.22 9.86 10.03
C ARG A 161 7.18 10.89 10.38
N GLU A 162 6.83 11.04 11.66
CA GLU A 162 5.82 12.00 12.14
C GLU A 162 6.29 13.41 11.79
N LYS A 163 7.60 13.64 11.92
CA LYS A 163 8.18 14.93 11.59
C LYS A 163 7.96 15.25 10.09
N VAL A 164 8.43 14.32 9.25
CA VAL A 164 8.32 14.42 7.83
C VAL A 164 6.92 14.74 7.46
N TYR A 165 5.93 14.00 7.93
CA TYR A 165 4.65 14.38 7.38
C TYR A 165 4.13 15.64 7.96
N ALA A 166 4.52 16.02 9.18
CA ALA A 166 4.06 17.35 9.66
C ALA A 166 4.66 18.45 8.74
N SER A 167 5.95 18.38 8.38
CA SER A 167 6.51 19.40 7.50
C SER A 167 5.91 19.35 6.15
N LEU A 168 5.66 18.17 5.63
CA LEU A 168 4.98 18.10 4.36
C LEU A 168 3.59 18.75 4.45
N GLU A 169 2.84 18.49 5.50
CA GLU A 169 1.52 19.04 5.49
C GLU A 169 1.62 20.55 5.48
N GLU A 170 2.56 21.00 6.27
CA GLU A 170 2.89 22.37 6.33
C GLU A 170 3.29 22.96 4.95
N TYR A 171 4.29 22.39 4.31
CA TYR A 171 4.68 22.86 3.02
C TYR A 171 3.45 22.97 2.07
N THR A 172 2.69 21.89 2.04
CA THR A 172 1.51 21.75 1.22
C THR A 172 0.37 22.78 1.45
N LYS A 173 0.04 23.00 2.71
CA LYS A 173 -0.99 23.97 3.05
C LYS A 173 -0.59 25.37 2.56
N SER A 174 0.73 25.67 2.62
CA SER A 174 1.24 27.02 2.35
C SER A 174 1.60 27.20 0.83
N ARG A 175 2.35 26.27 0.22
CA ARG A 175 2.53 26.33 -1.23
C ARG A 175 1.35 26.06 -2.13
N TYR A 176 0.23 25.56 -1.61
CA TYR A 176 -0.92 25.15 -2.48
C TYR A 176 -2.24 25.39 -1.82
N PRO A 177 -2.44 26.55 -1.22
CA PRO A 177 -3.62 26.73 -0.38
C PRO A 177 -4.91 26.75 -1.20
N GLU A 178 -4.81 26.73 -2.51
CA GLU A 178 -6.01 26.51 -3.30
C GLU A 178 -6.50 25.02 -3.18
N GLU A 179 -5.70 24.12 -2.59
CA GLU A 179 -6.03 22.66 -2.62
C GLU A 179 -6.14 22.00 -1.27
N PRO A 180 -7.30 22.11 -0.59
CA PRO A 180 -7.29 21.53 0.78
C PRO A 180 -6.98 20.00 0.76
N GLY A 181 -7.37 19.28 -0.31
CA GLY A 181 -7.13 17.82 -0.35
C GLY A 181 -5.71 17.40 -0.69
N ARG A 182 -4.78 18.32 -0.89
CA ARG A 182 -3.53 17.93 -1.52
C ARG A 182 -2.72 16.96 -0.66
N PHE A 183 -2.73 17.20 0.63
CA PHE A 183 -1.89 16.46 1.51
C PHE A 183 -2.40 14.99 1.49
N ALA A 184 -3.69 14.74 1.76
CA ALA A 184 -4.26 13.45 1.62
C ALA A 184 -3.86 12.74 0.28
N LYS A 185 -4.03 13.48 -0.78
CA LYS A 185 -3.92 12.99 -2.11
C LYS A 185 -2.50 12.50 -2.22
N LEU A 186 -1.54 13.22 -1.66
CA LEU A 186 -0.16 12.74 -1.70
C LEU A 186 0.02 11.45 -0.88
N LEU A 187 -0.53 11.36 0.33
CA LEU A 187 -0.30 10.21 1.13
C LEU A 187 -0.99 9.00 0.48
N LEU A 188 -2.18 9.25 -0.08
CA LEU A 188 -2.90 8.19 -0.73
C LEU A 188 -2.18 7.66 -2.03
N ARG A 189 -0.96 8.11 -2.37
CA ARG A 189 -0.27 7.43 -3.43
C ARG A 189 0.63 6.28 -2.94
N LEU A 190 0.88 6.28 -1.63
CA LEU A 190 1.75 5.33 -1.01
C LEU A 190 1.22 3.91 -1.01
N PRO A 191 -0.09 3.72 -0.83
CA PRO A 191 -0.54 2.34 -1.05
C PRO A 191 -0.24 1.77 -2.45
N ALA A 192 -0.48 2.57 -3.49
CA ALA A 192 -0.17 2.08 -4.84
C ALA A 192 1.33 1.72 -4.96
N LEU A 193 2.18 2.57 -4.36
CA LEU A 193 3.62 2.40 -4.37
C LEU A 193 3.98 1.12 -3.68
N ARG A 194 3.34 0.86 -2.56
CA ARG A 194 3.60 -0.29 -1.82
C ARG A 194 3.34 -1.46 -2.69
N SER A 195 2.17 -1.47 -3.22
CA SER A 195 1.72 -2.54 -4.08
C SER A 195 2.61 -2.82 -5.37
N ILE A 196 2.96 -1.77 -6.10
CA ILE A 196 3.72 -1.94 -7.25
C ILE A 196 5.12 -2.39 -6.89
N GLY A 197 5.55 -1.91 -5.73
CA GLY A 197 6.84 -2.35 -5.19
C GLY A 197 6.92 -3.84 -4.96
N LEU A 198 5.89 -4.41 -4.35
CA LEU A 198 5.83 -5.84 -4.13
C LEU A 198 5.80 -6.62 -5.48
N LYS A 199 5.03 -6.13 -6.47
CA LYS A 199 4.98 -6.80 -7.68
C LYS A 199 6.36 -6.77 -8.43
N CYS A 200 7.08 -5.67 -8.32
CA CYS A 200 8.43 -5.66 -8.88
C CYS A 200 9.37 -6.68 -8.28
N LEU A 201 9.31 -6.84 -6.97
CA LEU A 201 10.19 -7.74 -6.31
C LEU A 201 9.90 -9.13 -6.74
N GLU A 202 8.63 -9.49 -6.91
CA GLU A 202 8.35 -10.81 -7.50
C GLU A 202 9.09 -10.89 -8.80
N HIS A 203 9.03 -9.85 -9.63
CA HIS A 203 9.63 -10.00 -10.93
C HIS A 203 11.08 -10.30 -10.77
N LEU A 204 11.71 -9.55 -9.84
CA LEU A 204 13.15 -9.61 -9.68
C LEU A 204 13.61 -10.91 -9.13
N PHE A 205 12.85 -11.49 -8.19
CA PHE A 205 13.18 -12.83 -7.68
C PHE A 205 13.09 -13.93 -8.74
N PHE A 206 12.14 -13.75 -9.67
CA PHE A 206 11.96 -14.70 -10.73
C PHE A 206 13.15 -14.55 -11.69
N PHE A 207 13.52 -13.33 -12.09
CA PHE A 207 14.67 -13.23 -13.00
C PHE A 207 15.93 -13.76 -12.31
N LYS A 208 16.08 -13.50 -11.00
CA LYS A 208 17.25 -14.06 -10.29
C LYS A 208 17.35 -15.61 -10.21
N LEU A 209 16.24 -16.32 -10.22
CA LEU A 209 16.28 -17.74 -10.25
C LEU A 209 16.45 -18.22 -11.70
N ILE A 210 15.78 -17.56 -12.66
CA ILE A 210 16.04 -17.92 -14.03
C ILE A 210 17.56 -18.06 -14.21
N GLY A 211 18.27 -17.02 -13.74
CA GLY A 211 19.62 -16.70 -14.13
C GLY A 211 20.63 -17.53 -13.38
N ASP A 212 20.16 -18.13 -12.31
CA ASP A 212 20.75 -19.30 -11.65
C ASP A 212 21.28 -20.49 -12.48
N GLN A 213 20.82 -20.64 -13.71
CA GLN A 213 20.98 -21.90 -14.43
C GLN A 213 20.75 -21.69 -15.94
N PRO A 214 21.75 -21.98 -16.78
CA PRO A 214 21.55 -21.64 -18.19
C PRO A 214 20.51 -22.64 -18.78
N ILE A 215 20.05 -22.45 -20.02
CA ILE A 215 19.28 -23.50 -20.79
C ILE A 215 20.19 -24.65 -21.35
N ASP A 216 19.82 -25.94 -21.23
CA ASP A 216 20.70 -27.04 -21.71
C ASP A 216 20.89 -26.95 -23.22
N THR A 217 21.85 -27.69 -23.76
CA THR A 217 22.41 -27.19 -25.00
C THR A 217 21.57 -27.51 -26.22
N PHE A 218 20.79 -28.57 -26.16
CA PHE A 218 19.94 -28.89 -27.32
C PHE A 218 18.74 -27.92 -27.33
N LEU A 219 18.22 -27.64 -26.15
CA LEU A 219 17.15 -26.69 -26.01
C LEU A 219 17.66 -25.35 -26.49
N MET A 220 18.89 -25.03 -26.16
CA MET A 220 19.41 -23.76 -26.64
C MET A 220 19.44 -23.81 -28.16
N GLU A 221 19.80 -24.95 -28.72
CA GLU A 221 19.92 -25.01 -30.15
C GLU A 221 18.56 -24.83 -30.84
N MET A 222 17.47 -25.27 -30.22
CA MET A 222 16.17 -25.13 -30.89
C MET A 222 15.72 -23.69 -30.91
N LEU A 223 16.11 -22.94 -29.89
CA LEU A 223 15.96 -21.50 -29.82
C LEU A 223 17.02 -20.71 -30.61
N GLU A 224 17.94 -21.45 -31.25
CA GLU A 224 19.11 -20.94 -32.04
C GLU A 224 20.56 -20.59 -31.40
N ASN B 3 -18.99 19.93 6.41
CA ASN B 3 -18.70 20.60 5.09
C ASN B 3 -19.55 20.08 3.83
N ASN B 4 -19.25 18.90 3.25
CA ASN B 4 -19.91 18.40 1.97
C ASN B 4 -21.18 17.46 2.05
N ASP B 5 -21.07 16.38 1.29
CA ASP B 5 -22.12 15.56 0.78
C ASP B 5 -21.92 14.06 1.21
N MET B 6 -21.18 13.84 2.30
CA MET B 6 -20.58 12.56 2.65
C MET B 6 -20.54 12.62 4.17
N PRO B 7 -21.71 12.40 4.78
CA PRO B 7 -21.75 12.69 6.20
C PRO B 7 -21.20 11.49 6.96
N VAL B 8 -20.25 11.71 7.88
CA VAL B 8 -19.68 10.63 8.66
C VAL B 8 -20.70 9.88 9.53
N GLU B 9 -21.81 10.53 9.89
CA GLU B 9 -22.82 9.84 10.68
C GLU B 9 -23.26 8.62 9.89
N GLN B 10 -23.32 8.78 8.58
CA GLN B 10 -23.89 7.73 7.73
C GLN B 10 -22.90 6.60 7.52
N ILE B 11 -21.64 6.91 7.31
CA ILE B 11 -20.61 5.90 7.40
C ILE B 11 -20.62 5.24 8.80
N LEU B 12 -20.62 5.99 9.88
CA LEU B 12 -20.67 5.29 11.20
C LEU B 12 -21.91 4.41 11.29
N GLU B 13 -23.08 4.94 10.86
CA GLU B 13 -24.35 4.16 10.86
C GLU B 13 -24.06 2.84 10.08
N ALA B 14 -23.29 2.93 8.99
CA ALA B 14 -22.91 1.74 8.23
C ALA B 14 -22.10 0.68 9.05
N GLU B 15 -21.02 1.08 9.72
CA GLU B 15 -20.21 0.15 10.54
C GLU B 15 -21.08 -0.49 11.61
N LEU B 16 -21.88 0.33 12.31
CA LEU B 16 -22.67 -0.19 13.40
C LEU B 16 -23.74 -1.21 12.91
N ALA B 17 -24.38 -0.96 11.77
CA ALA B 17 -25.32 -1.95 11.23
C ALA B 17 -24.70 -3.32 10.89
N VAL B 18 -23.38 -3.42 10.82
CA VAL B 18 -22.85 -4.69 10.47
C VAL B 18 -22.03 -5.22 11.61
N ASP B 19 -21.94 -4.45 12.69
CA ASP B 19 -21.17 -4.87 13.86
C ASP B 19 -21.85 -6.15 14.37
N PRO B 20 -21.13 -7.31 14.29
CA PRO B 20 -21.70 -8.53 14.84
C PRO B 20 -21.58 -8.32 16.36
N LYS B 21 -22.68 -8.28 17.08
CA LYS B 21 -22.54 -7.93 18.51
C LYS B 21 -22.09 -9.16 19.41
N ILE B 22 -20.82 -9.23 19.78
CA ILE B 22 -20.28 -10.49 20.30
C ILE B 22 -19.60 -10.30 21.66
N ASP B 23 -20.04 -10.95 22.71
CA ASP B 23 -19.38 -10.63 24.00
C ASP B 23 -18.61 -11.74 24.63
N THR B 24 -18.63 -12.90 23.99
CA THR B 24 -17.90 -14.02 24.53
C THR B 24 -17.39 -14.83 23.35
N TYR B 25 -16.11 -15.17 23.31
CA TYR B 25 -15.52 -15.91 22.16
C TYR B 25 -15.04 -17.26 22.60
N ILE B 26 -14.74 -18.20 21.70
CA ILE B 26 -14.16 -19.47 22.12
C ILE B 26 -12.85 -19.53 21.43
N ASP B 27 -11.80 -19.81 22.19
CA ASP B 27 -10.51 -19.87 21.61
C ASP B 27 -10.52 -21.10 20.79
N ALA B 28 -9.98 -21.01 19.60
CA ALA B 28 -10.06 -22.07 18.59
C ALA B 28 -8.64 -22.46 18.18
N GLN B 29 -8.16 -23.56 18.77
CA GLN B 29 -6.81 -24.15 18.49
C GLN B 29 -6.78 -25.15 17.33
N LYS B 30 -7.89 -25.86 17.08
CA LYS B 30 -8.15 -26.60 15.82
C LYS B 30 -7.50 -25.90 14.56
N ASP B 31 -7.84 -26.28 13.32
CA ASP B 31 -7.24 -25.61 12.14
C ASP B 31 -7.83 -24.21 11.95
N PRO B 32 -7.07 -23.18 12.38
CA PRO B 32 -7.46 -21.78 12.22
C PRO B 32 -7.78 -21.31 10.79
N VAL B 33 -7.11 -21.91 9.82
CA VAL B 33 -7.29 -21.47 8.46
C VAL B 33 -8.72 -21.68 8.01
N THR B 34 -9.33 -22.79 8.39
CA THR B 34 -10.72 -23.04 8.02
C THR B 34 -11.58 -22.07 8.80
N ASN B 35 -11.15 -21.77 10.04
CA ASN B 35 -11.95 -20.87 10.83
C ASN B 35 -12.03 -19.52 10.21
N ILE B 36 -10.85 -19.04 9.86
CA ILE B 36 -10.74 -17.73 9.17
C ILE B 36 -11.47 -17.73 7.84
N CYS B 37 -11.36 -18.80 7.05
CA CYS B 37 -12.14 -18.86 5.78
C CYS B 37 -13.62 -18.78 5.96
N GLN B 38 -14.14 -19.53 6.92
CA GLN B 38 -15.57 -19.47 7.15
C GLN B 38 -16.00 -18.12 7.66
N ALA B 39 -15.21 -17.51 8.54
CA ALA B 39 -15.59 -16.18 9.00
C ALA B 39 -15.57 -15.20 7.83
N ALA B 40 -14.63 -15.38 6.91
CA ALA B 40 -14.53 -14.50 5.77
C ALA B 40 -15.71 -14.65 4.83
N ASP B 41 -16.11 -15.91 4.57
CA ASP B 41 -17.31 -16.14 3.75
C ASP B 41 -18.51 -15.47 4.34
N LYS B 42 -18.71 -15.69 5.63
CA LYS B 42 -19.75 -15.10 6.39
C LYS B 42 -19.71 -13.58 6.27
N GLN B 43 -18.54 -12.95 6.44
CA GLN B 43 -18.44 -11.50 6.37
C GLN B 43 -18.59 -10.88 4.98
N LEU B 44 -18.20 -11.60 3.92
CA LEU B 44 -18.55 -11.17 2.56
C LEU B 44 -20.05 -10.74 2.37
N PHE B 45 -20.98 -11.47 2.97
CA PHE B 45 -22.37 -11.11 2.88
C PHE B 45 -22.64 -9.78 3.59
N THR B 46 -22.23 -9.65 4.86
CA THR B 46 -22.27 -8.34 5.55
C THR B 46 -21.49 -7.27 4.80
N LEU B 47 -20.33 -7.64 4.28
CA LEU B 47 -19.56 -6.64 3.51
C LEU B 47 -20.38 -5.89 2.39
N VAL B 48 -21.26 -6.65 1.68
CA VAL B 48 -22.08 -6.03 0.67
C VAL B 48 -23.18 -5.14 1.27
N GLU B 49 -23.88 -5.66 2.27
CA GLU B 49 -24.79 -4.81 3.06
C GLU B 49 -24.07 -3.54 3.47
N TRP B 50 -22.86 -3.68 4.01
CA TRP B 50 -22.07 -2.51 4.46
C TRP B 50 -21.89 -1.55 3.35
N ALA B 51 -21.44 -2.02 2.19
CA ALA B 51 -21.15 -1.15 1.04
C ALA B 51 -22.36 -0.41 0.56
N LYS B 52 -23.42 -1.13 0.28
CA LYS B 52 -24.73 -0.50 -0.03
C LYS B 52 -25.19 0.63 0.89
N ARG B 53 -24.72 0.66 2.14
CA ARG B 53 -25.08 1.72 3.08
C ARG B 53 -24.11 2.92 3.03
N ILE B 54 -23.03 2.79 2.24
CA ILE B 54 -22.10 3.92 2.10
C ILE B 54 -22.66 4.97 1.12
N PRO B 55 -22.80 6.22 1.58
CA PRO B 55 -23.33 7.24 0.66
C PRO B 55 -22.82 7.13 -0.80
N HIS B 56 -23.77 7.15 -1.76
CA HIS B 56 -23.51 7.14 -3.20
C HIS B 56 -22.98 5.86 -3.73
N PHE B 57 -22.70 4.88 -2.87
CA PHE B 57 -22.15 3.70 -3.43
C PHE B 57 -23.11 3.13 -4.47
N THR B 58 -24.38 3.07 -4.12
CA THR B 58 -25.31 2.37 -4.99
C THR B 58 -25.77 3.20 -6.17
N GLU B 59 -25.28 4.41 -6.33
CA GLU B 59 -25.54 5.18 -7.53
C GLU B 59 -24.50 4.86 -8.54
N LEU B 60 -23.53 4.02 -8.23
CA LEU B 60 -22.50 3.82 -9.22
C LEU B 60 -22.93 2.85 -10.32
N PRO B 61 -22.43 3.06 -11.56
CA PRO B 61 -22.64 1.94 -12.50
C PRO B 61 -22.46 0.65 -11.73
N LEU B 62 -23.49 -0.17 -11.71
CA LEU B 62 -23.45 -1.54 -11.21
C LEU B 62 -22.15 -2.35 -11.48
N GLU B 63 -21.62 -2.27 -12.70
CA GLU B 63 -20.39 -2.98 -13.08
C GLU B 63 -19.26 -2.35 -12.25
N ASP B 64 -19.44 -1.11 -11.81
CA ASP B 64 -18.47 -0.48 -10.90
C ASP B 64 -18.55 -0.91 -9.41
N GLN B 65 -19.75 -1.21 -8.91
CA GLN B 65 -19.95 -1.68 -7.56
C GLN B 65 -19.27 -3.02 -7.41
N VAL B 66 -19.41 -3.81 -8.45
CA VAL B 66 -18.88 -5.14 -8.49
C VAL B 66 -17.39 -4.97 -8.53
N ILE B 67 -16.88 -4.02 -9.34
CA ILE B 67 -15.42 -3.92 -9.46
C ILE B 67 -14.81 -3.51 -8.13
N LEU B 68 -15.38 -2.50 -7.48
CA LEU B 68 -14.88 -2.07 -6.20
C LEU B 68 -14.89 -3.18 -5.12
N LEU B 69 -16.06 -3.83 -4.95
CA LEU B 69 -16.13 -4.91 -3.94
C LEU B 69 -15.16 -6.03 -4.28
N ARG B 70 -14.97 -6.32 -5.54
CA ARG B 70 -14.16 -7.45 -5.85
C ARG B 70 -12.68 -7.02 -5.66
N ALA B 71 -12.39 -5.73 -5.75
CA ALA B 71 -10.98 -5.32 -5.65
C ALA B 71 -10.65 -5.03 -4.17
N GLY B 72 -11.67 -4.69 -3.37
CA GLY B 72 -11.45 -4.19 -2.03
C GLY B 72 -11.80 -5.22 -0.93
N TRP B 73 -12.50 -6.30 -1.29
CA TRP B 73 -12.96 -7.22 -0.22
C TRP B 73 -11.84 -7.65 0.77
N ASN B 74 -10.69 -8.03 0.25
CA ASN B 74 -9.71 -8.60 1.17
C ASN B 74 -9.19 -7.54 2.17
N GLU B 75 -8.91 -6.30 1.77
CA GLU B 75 -8.45 -5.24 2.69
C GLU B 75 -9.59 -4.79 3.54
N LEU B 76 -10.73 -4.61 2.93
CA LEU B 76 -11.93 -4.30 3.73
C LEU B 76 -12.16 -5.31 4.93
N LEU B 77 -11.98 -6.61 4.70
CA LEU B 77 -12.35 -7.55 5.73
C LEU B 77 -11.20 -7.60 6.69
N ILE B 78 -9.95 -7.58 6.20
CA ILE B 78 -8.86 -7.42 7.08
C ILE B 78 -8.99 -6.21 8.03
N ALA B 79 -9.49 -5.09 7.53
CA ALA B 79 -9.53 -3.94 8.38
C ALA B 79 -10.60 -4.21 9.38
N GLY B 80 -11.65 -4.89 8.98
CA GLY B 80 -12.71 -5.12 9.92
C GLY B 80 -12.33 -5.94 11.14
N PHE B 81 -11.68 -7.10 10.96
CA PHE B 81 -11.45 -7.98 12.06
C PHE B 81 -10.20 -7.50 12.84
N SER B 82 -9.32 -6.74 12.17
CA SER B 82 -8.15 -6.21 12.88
C SER B 82 -8.68 -5.28 13.89
N HIS B 83 -9.71 -4.53 13.53
CA HIS B 83 -10.19 -3.54 14.49
C HIS B 83 -11.01 -4.16 15.62
N ARG B 84 -11.92 -5.09 15.30
CA ARG B 84 -12.59 -5.79 16.36
C ARG B 84 -11.52 -6.41 17.27
N SER B 85 -10.39 -6.83 16.69
CA SER B 85 -9.43 -7.59 17.45
C SER B 85 -8.59 -6.77 18.44
N ILE B 86 -8.71 -5.43 18.43
CA ILE B 86 -7.97 -4.59 19.41
C ILE B 86 -8.29 -5.06 20.83
N MET B 87 -9.54 -5.56 21.03
CA MET B 87 -10.00 -6.19 22.25
C MET B 87 -9.31 -7.49 22.63
N ALA B 88 -8.59 -8.14 21.73
CA ALA B 88 -7.84 -9.34 22.18
C ALA B 88 -6.41 -8.96 22.46
N LYS B 89 -5.58 -9.92 22.83
CA LYS B 89 -4.17 -9.69 23.02
C LYS B 89 -3.53 -10.83 22.33
N ASP B 90 -2.52 -10.52 21.57
CA ASP B 90 -1.98 -11.58 20.70
C ASP B 90 -2.91 -12.56 19.95
N GLY B 91 -4.14 -12.15 19.66
CA GLY B 91 -4.97 -13.02 18.84
C GLY B 91 -5.87 -12.23 17.93
N ILE B 92 -6.63 -12.88 17.03
CA ILE B 92 -7.66 -12.14 16.36
C ILE B 92 -9.05 -12.69 16.70
N LEU B 93 -10.07 -11.85 16.56
CA LEU B 93 -11.43 -12.17 16.89
C LEU B 93 -12.30 -12.26 15.63
N LEU B 94 -12.75 -13.47 15.30
CA LEU B 94 -13.50 -13.68 14.04
C LEU B 94 -14.96 -13.29 14.29
N ALA B 95 -15.68 -12.92 13.23
CA ALA B 95 -17.12 -12.54 13.35
C ALA B 95 -17.97 -13.76 13.75
N THR B 96 -17.37 -14.96 13.65
CA THR B 96 -18.11 -16.16 13.99
C THR B 96 -17.99 -16.50 15.45
N GLY B 97 -17.34 -15.67 16.25
CA GLY B 97 -17.31 -15.90 17.69
C GLY B 97 -16.07 -16.68 18.12
N LEU B 98 -15.14 -16.91 17.20
CA LEU B 98 -13.91 -17.64 17.53
C LEU B 98 -12.77 -16.68 17.75
N HIS B 99 -11.82 -17.09 18.60
CA HIS B 99 -10.63 -16.29 18.89
C HIS B 99 -9.51 -17.18 18.42
N VAL B 100 -8.59 -16.66 17.60
CA VAL B 100 -7.48 -17.45 17.17
C VAL B 100 -6.26 -16.80 17.69
N HIS B 101 -5.52 -17.57 18.46
CA HIS B 101 -4.29 -17.14 19.11
C HIS B 101 -3.16 -17.23 18.14
N ARG B 102 -2.17 -16.34 18.32
CA ARG B 102 -1.01 -16.36 17.44
C ARG B 102 -0.21 -17.68 17.43
N SER B 103 -0.07 -18.35 18.59
CA SER B 103 0.66 -19.66 18.74
C SER B 103 0.09 -20.70 17.76
N SER B 104 -1.22 -20.64 17.70
CA SER B 104 -1.98 -21.50 16.91
C SER B 104 -1.88 -21.11 15.41
N ALA B 105 -1.75 -19.82 15.12
CA ALA B 105 -1.44 -19.44 13.73
C ALA B 105 -0.05 -19.92 13.33
N HIS B 106 0.90 -19.84 14.27
CA HIS B 106 2.24 -20.29 14.00
C HIS B 106 2.29 -21.77 13.74
N GLN B 107 1.75 -22.60 14.64
CA GLN B 107 1.64 -24.04 14.42
C GLN B 107 1.08 -24.36 13.07
N ALA B 108 0.08 -23.62 12.57
CA ALA B 108 -0.60 -23.91 11.23
C ALA B 108 0.13 -23.36 10.00
N GLY B 109 1.38 -22.90 10.24
CA GLY B 109 2.29 -22.23 9.27
C GLY B 109 1.90 -20.92 8.61
N VAL B 110 0.94 -20.16 9.16
CA VAL B 110 0.63 -18.82 8.67
C VAL B 110 0.98 -17.81 9.76
N GLY B 111 1.95 -18.13 10.61
CA GLY B 111 2.36 -17.24 11.67
C GLY B 111 2.87 -15.87 11.24
N THR B 112 3.61 -15.79 10.14
CA THR B 112 4.26 -14.56 9.79
C THR B 112 3.28 -13.46 9.37
N ILE B 113 2.34 -13.84 8.54
CA ILE B 113 1.40 -12.90 8.14
C ILE B 113 0.52 -12.61 9.29
N PHE B 114 0.27 -13.60 10.13
CA PHE B 114 -0.47 -13.29 11.35
C PHE B 114 0.20 -12.22 12.23
N ASP B 115 1.52 -12.29 12.40
CA ASP B 115 2.15 -11.35 13.28
C ASP B 115 2.12 -9.97 12.62
N ARG B 116 2.05 -9.95 11.29
CA ARG B 116 2.13 -8.70 10.58
C ARG B 116 0.79 -8.00 10.85
N VAL B 117 -0.27 -8.74 10.98
CA VAL B 117 -1.52 -8.13 11.28
C VAL B 117 -1.54 -7.66 12.68
N LEU B 118 -0.77 -8.27 13.59
CA LEU B 118 -0.90 -7.88 14.99
C LEU B 118 -0.14 -6.64 15.24
N THR B 119 1.05 -6.60 14.66
CA THR B 119 1.99 -5.52 14.94
C THR B 119 1.65 -4.32 14.02
N GLU B 120 1.45 -4.50 12.72
CA GLU B 120 1.07 -3.39 11.81
C GLU B 120 -0.38 -2.85 11.81
N LEU B 121 -1.35 -3.58 12.35
CA LEU B 121 -2.70 -3.12 12.24
C LEU B 121 -3.27 -3.12 13.61
N VAL B 122 -3.49 -4.30 14.21
CA VAL B 122 -4.17 -4.37 15.48
C VAL B 122 -3.49 -3.49 16.52
N ALA B 123 -2.22 -3.71 16.81
CA ALA B 123 -1.55 -2.92 17.88
C ALA B 123 -1.63 -1.39 17.59
N LYS B 124 -1.47 -0.99 16.33
CA LYS B 124 -1.56 0.40 16.02
C LYS B 124 -2.94 0.91 16.19
N MET B 125 -3.92 0.12 15.81
CA MET B 125 -5.27 0.59 15.94
C MET B 125 -5.63 0.73 17.42
N ARG B 126 -5.12 -0.18 18.24
CA ARG B 126 -5.39 -0.15 19.64
C ARG B 126 -4.66 1.06 20.29
N ASP B 127 -3.37 1.27 20.01
CA ASP B 127 -2.57 2.29 20.61
C ASP B 127 -3.16 3.68 20.21
N MET B 128 -3.69 3.87 19.05
CA MET B 128 -4.15 5.23 18.77
C MET B 128 -5.68 5.31 19.04
N LYS B 129 -6.28 4.22 19.54
CA LYS B 129 -7.71 4.19 19.88
C LYS B 129 -8.58 4.64 18.73
N MET B 130 -8.30 4.09 17.57
CA MET B 130 -9.04 4.27 16.39
C MET B 130 -10.47 3.99 16.66
N ASP B 131 -11.39 4.89 16.32
CA ASP B 131 -12.79 4.60 16.64
C ASP B 131 -13.53 4.13 15.39
N LYS B 132 -14.82 3.91 15.55
CA LYS B 132 -15.58 3.14 14.59
C LYS B 132 -15.87 4.08 13.42
N THR B 133 -15.92 5.35 13.73
CA THR B 133 -16.11 6.30 12.67
C THR B 133 -14.92 6.35 11.69
N GLU B 134 -13.71 6.19 12.24
CA GLU B 134 -12.54 6.40 11.49
C GLU B 134 -12.27 5.11 10.75
N LEU B 135 -12.65 4.04 11.42
CA LEU B 135 -12.52 2.79 10.76
C LEU B 135 -13.44 2.77 9.50
N GLY B 136 -14.67 3.22 9.65
CA GLY B 136 -15.57 3.23 8.52
C GLY B 136 -15.07 4.10 7.38
N CYS B 137 -14.53 5.28 7.71
CA CYS B 137 -13.98 6.14 6.70
C CYS B 137 -12.85 5.45 6.01
N LEU B 138 -11.96 4.82 6.79
CA LEU B 138 -10.80 4.21 6.18
C LEU B 138 -11.29 3.15 5.20
N ARG B 139 -12.28 2.39 5.62
CA ARG B 139 -12.83 1.39 4.77
C ARG B 139 -13.51 2.01 3.56
N ALA B 140 -14.20 3.13 3.76
CA ALA B 140 -14.87 3.77 2.62
C ALA B 140 -13.81 4.29 1.66
N VAL B 141 -12.70 4.84 2.20
CA VAL B 141 -11.61 5.25 1.31
C VAL B 141 -11.15 4.04 0.51
N VAL B 142 -10.99 2.92 1.18
CA VAL B 142 -10.42 1.78 0.52
C VAL B 142 -11.39 1.29 -0.57
N LEU B 143 -12.70 1.35 -0.25
CA LEU B 143 -13.78 0.93 -1.15
C LEU B 143 -13.77 1.76 -2.42
N PHE B 144 -13.76 3.08 -2.28
CA PHE B 144 -13.76 3.98 -3.42
C PHE B 144 -12.38 4.11 -3.97
N ASN B 145 -11.93 3.03 -4.55
CA ASN B 145 -10.55 2.95 -5.00
C ASN B 145 -10.50 3.28 -6.49
N PRO B 146 -10.05 4.47 -6.81
CA PRO B 146 -10.12 4.84 -8.20
C PRO B 146 -9.01 4.14 -9.02
N ASP B 147 -8.11 3.36 -8.41
CA ASP B 147 -7.12 2.66 -9.22
C ASP B 147 -7.61 1.27 -9.66
N ALA B 148 -8.84 0.89 -9.30
CA ALA B 148 -9.26 -0.52 -9.58
C ALA B 148 -9.35 -0.69 -11.09
N LYS B 149 -8.88 -1.82 -11.65
CA LYS B 149 -8.96 -1.98 -13.15
C LYS B 149 -10.43 -2.13 -13.64
N GLY B 150 -10.77 -1.51 -14.79
CA GLY B 150 -12.05 -1.71 -15.45
C GLY B 150 -13.14 -0.77 -14.97
N LEU B 151 -12.84 0.19 -14.10
CA LEU B 151 -13.87 1.15 -13.66
C LEU B 151 -14.36 1.87 -14.89
N THR B 152 -15.64 2.19 -14.97
CA THR B 152 -16.07 3.03 -16.05
C THR B 152 -16.19 4.42 -15.45
N ALA B 153 -16.88 4.59 -14.32
CA ALA B 153 -16.89 5.93 -13.67
C ALA B 153 -15.66 6.28 -12.77
N VAL B 154 -14.44 6.28 -13.32
CA VAL B 154 -13.26 6.71 -12.56
C VAL B 154 -13.39 8.04 -11.82
N GLN B 155 -13.91 9.05 -12.52
CA GLN B 155 -14.07 10.36 -11.89
C GLN B 155 -15.01 10.32 -10.70
N GLU B 156 -16.14 9.63 -10.84
CA GLU B 156 -17.12 9.62 -9.76
C GLU B 156 -16.44 8.94 -8.56
N VAL B 157 -15.57 7.96 -8.85
CA VAL B 157 -14.97 7.17 -7.79
C VAL B 157 -13.94 8.02 -7.08
N GLU B 158 -13.02 8.59 -7.81
CA GLU B 158 -12.03 9.53 -7.29
C GLU B 158 -12.70 10.52 -6.37
N GLN B 159 -13.79 11.02 -6.87
CA GLN B 159 -14.40 12.14 -6.27
C GLN B 159 -15.08 11.79 -4.98
N LEU B 160 -15.67 10.60 -4.93
CA LEU B 160 -16.24 10.08 -3.72
C LEU B 160 -15.09 9.74 -2.76
N ARG B 161 -13.98 9.21 -3.29
CA ARG B 161 -12.81 9.12 -2.40
C ARG B 161 -12.50 10.47 -1.73
N GLU B 162 -12.23 11.49 -2.54
CA GLU B 162 -11.94 12.79 -1.98
C GLU B 162 -12.95 13.20 -0.92
N LYS B 163 -14.22 12.89 -1.12
CA LYS B 163 -15.23 13.32 -0.14
C LYS B 163 -15.14 12.59 1.21
N VAL B 164 -14.95 11.27 1.16
CA VAL B 164 -14.65 10.53 2.36
C VAL B 164 -13.45 11.14 3.10
N TYR B 165 -12.31 11.35 2.44
CA TYR B 165 -11.18 11.86 3.16
C TYR B 165 -11.32 13.33 3.56
N ALA B 166 -12.13 14.11 2.84
CA ALA B 166 -12.44 15.40 3.44
C ALA B 166 -13.28 15.22 4.73
N SER B 167 -14.31 14.38 4.72
CA SER B 167 -15.08 14.26 5.94
C SER B 167 -14.28 13.69 7.06
N LEU B 168 -13.42 12.71 6.77
CA LEU B 168 -12.60 12.08 7.78
C LEU B 168 -11.78 13.12 8.49
N GLU B 169 -11.15 13.95 7.66
CA GLU B 169 -10.20 14.88 8.19
C GLU B 169 -10.83 15.92 9.11
N GLU B 170 -11.99 16.38 8.69
CA GLU B 170 -12.72 17.31 9.47
C GLU B 170 -13.21 16.69 10.78
N TYR B 171 -13.68 15.45 10.72
CA TYR B 171 -14.09 14.72 11.94
C TYR B 171 -12.91 14.61 12.88
N THR B 172 -11.80 14.12 12.37
CA THR B 172 -10.60 14.03 13.14
C THR B 172 -10.15 15.33 13.83
N LYS B 173 -10.10 16.44 13.07
CA LYS B 173 -9.75 17.75 13.63
C LYS B 173 -10.65 18.17 14.81
N SER B 174 -11.91 17.84 14.67
CA SER B 174 -12.93 18.19 15.66
C SER B 174 -13.07 17.30 16.93
N ARG B 175 -13.08 15.99 16.73
CA ARG B 175 -13.08 14.98 17.74
C ARG B 175 -11.72 14.78 18.40
N TYR B 176 -10.59 15.07 17.77
CA TYR B 176 -9.27 14.82 18.36
C TYR B 176 -8.33 15.98 18.12
N PRO B 177 -8.76 17.23 18.45
CA PRO B 177 -7.85 18.35 18.26
C PRO B 177 -6.56 18.24 19.08
N GLU B 178 -6.49 17.42 20.12
CA GLU B 178 -5.17 17.16 20.78
C GLU B 178 -4.13 16.66 19.83
N GLU B 179 -4.55 16.05 18.72
CA GLU B 179 -3.59 15.26 18.01
C GLU B 179 -3.60 15.72 16.60
N PRO B 180 -2.79 16.76 16.33
CA PRO B 180 -3.01 17.27 14.97
C PRO B 180 -2.61 16.27 13.90
N GLY B 181 -1.64 15.37 14.14
CA GLY B 181 -1.23 14.34 13.15
C GLY B 181 -2.20 13.17 12.88
N ARG B 182 -3.40 13.23 13.42
CA ARG B 182 -4.14 11.99 13.50
C ARG B 182 -4.59 11.51 12.10
N PHE B 183 -5.13 12.43 11.34
CA PHE B 183 -5.50 12.18 9.99
C PHE B 183 -4.39 11.45 9.16
N ALA B 184 -3.18 12.00 9.22
CA ALA B 184 -2.08 11.33 8.56
C ALA B 184 -1.82 9.95 9.14
N LYS B 185 -1.75 9.86 10.45
CA LYS B 185 -1.56 8.56 11.08
C LYS B 185 -2.62 7.55 10.51
N LEU B 186 -3.86 7.99 10.30
CA LEU B 186 -4.87 7.08 9.82
C LEU B 186 -4.53 6.67 8.42
N LEU B 187 -4.29 7.63 7.53
CA LEU B 187 -4.03 7.29 6.14
C LEU B 187 -2.79 6.48 6.03
N LEU B 188 -1.84 6.68 6.90
CA LEU B 188 -0.58 5.90 6.80
C LEU B 188 -0.71 4.44 7.29
N ARG B 189 -1.92 4.03 7.63
CA ARG B 189 -2.05 2.66 7.94
C ARG B 189 -2.42 1.96 6.66
N LEU B 190 -2.85 2.70 5.62
CA LEU B 190 -3.31 2.06 4.39
C LEU B 190 -2.24 1.28 3.62
N PRO B 191 -0.97 1.79 3.54
CA PRO B 191 0.06 0.97 2.85
C PRO B 191 0.28 -0.41 3.47
N ALA B 192 0.28 -0.52 4.80
CA ALA B 192 0.39 -1.81 5.50
C ALA B 192 -0.88 -2.58 5.19
N LEU B 193 -2.03 -1.91 5.28
CA LEU B 193 -3.24 -2.62 4.97
C LEU B 193 -3.11 -3.25 3.55
N ARG B 194 -2.49 -2.53 2.62
CA ARG B 194 -2.39 -3.01 1.23
C ARG B 194 -1.45 -4.16 1.08
N SER B 195 -0.39 -4.11 1.87
CA SER B 195 0.65 -5.11 1.82
C SER B 195 0.19 -6.43 2.40
N ILE B 196 -0.49 -6.34 3.54
CA ILE B 196 -0.93 -7.45 4.26
C ILE B 196 -2.11 -8.07 3.45
N GLY B 197 -2.98 -7.24 2.82
CA GLY B 197 -4.07 -7.72 2.00
C GLY B 197 -3.54 -8.58 0.80
N LEU B 198 -2.53 -8.09 0.08
CA LEU B 198 -1.86 -8.88 -0.99
C LEU B 198 -1.35 -10.21 -0.46
N LYS B 199 -0.67 -10.20 0.69
CA LYS B 199 -0.09 -11.42 1.17
C LYS B 199 -1.16 -12.42 1.66
N CYS B 200 -2.29 -11.94 2.17
CA CYS B 200 -3.34 -12.89 2.55
C CYS B 200 -3.99 -13.47 1.32
N LEU B 201 -4.17 -12.65 0.32
CA LEU B 201 -4.78 -13.11 -0.93
C LEU B 201 -3.86 -14.17 -1.55
N GLU B 202 -2.56 -14.00 -1.42
CA GLU B 202 -1.64 -14.97 -1.95
C GLU B 202 -1.86 -16.28 -1.15
N HIS B 203 -1.89 -16.23 0.17
CA HIS B 203 -2.13 -17.47 0.93
C HIS B 203 -3.41 -18.11 0.50
N LEU B 204 -4.49 -17.36 0.39
CA LEU B 204 -5.77 -17.92 0.01
C LEU B 204 -5.74 -18.59 -1.37
N PHE B 205 -5.07 -17.98 -2.34
CA PHE B 205 -5.32 -18.32 -3.69
C PHE B 205 -4.62 -19.67 -3.77
N PHE B 206 -3.52 -19.74 -3.04
CA PHE B 206 -2.70 -20.90 -2.95
C PHE B 206 -3.40 -22.05 -2.19
N PHE B 207 -4.26 -21.75 -1.22
CA PHE B 207 -4.95 -22.84 -0.52
C PHE B 207 -6.00 -23.42 -1.46
N LYS B 208 -6.64 -22.50 -2.19
CA LYS B 208 -7.53 -22.84 -3.27
C LYS B 208 -6.82 -23.69 -4.32
N LEU B 209 -5.62 -23.33 -4.77
CA LEU B 209 -4.99 -24.10 -5.86
C LEU B 209 -4.52 -25.48 -5.40
N ILE B 210 -4.10 -25.60 -4.13
CA ILE B 210 -3.79 -26.92 -3.55
C ILE B 210 -5.02 -27.83 -3.45
N GLY B 211 -6.24 -27.30 -3.41
CA GLY B 211 -7.47 -28.10 -3.54
C GLY B 211 -7.92 -28.82 -2.27
N ASP B 212 -7.03 -28.88 -1.27
CA ASP B 212 -7.32 -29.56 0.01
C ASP B 212 -8.27 -28.69 0.83
N GLN B 213 -7.70 -27.62 1.41
CA GLN B 213 -8.42 -26.61 2.21
C GLN B 213 -9.89 -26.22 1.79
N PRO B 214 -10.91 -26.66 2.54
CA PRO B 214 -12.36 -26.33 2.30
C PRO B 214 -12.75 -25.02 1.53
N ILE B 215 -12.89 -23.84 2.13
CA ILE B 215 -13.41 -22.62 1.37
C ILE B 215 -14.86 -22.67 0.86
N ASP B 216 -15.72 -21.78 1.35
CA ASP B 216 -17.12 -21.81 0.93
C ASP B 216 -17.32 -20.96 -0.28
N THR B 217 -18.55 -20.62 -0.54
CA THR B 217 -18.94 -20.34 -1.89
C THR B 217 -18.85 -18.88 -2.26
N PHE B 218 -19.26 -17.99 -1.39
CA PHE B 218 -19.00 -16.59 -1.67
C PHE B 218 -17.48 -16.25 -1.65
N LEU B 219 -16.78 -16.77 -0.68
CA LEU B 219 -15.36 -16.67 -0.72
C LEU B 219 -14.77 -17.23 -2.02
N MET B 220 -15.19 -18.41 -2.42
CA MET B 220 -14.73 -19.00 -3.68
C MET B 220 -15.00 -18.10 -4.88
N GLU B 221 -16.20 -17.51 -4.98
CA GLU B 221 -16.52 -16.59 -6.05
C GLU B 221 -15.59 -15.41 -6.02
N MET B 222 -15.16 -15.02 -4.81
CA MET B 222 -14.22 -13.95 -4.76
C MET B 222 -12.87 -14.38 -5.25
N LEU B 223 -12.46 -15.59 -5.00
CA LEU B 223 -11.10 -15.94 -5.35
C LEU B 223 -11.02 -16.27 -6.82
N GLU B 224 -12.18 -16.30 -7.48
CA GLU B 224 -12.24 -16.53 -8.93
C GLU B 224 -12.35 -15.23 -9.78
N ASN B 225 -12.79 -14.18 -9.07
CA ASN B 225 -13.05 -12.74 -9.46
C ASN B 225 -11.82 -11.69 -9.44
N PRO B 226 -10.48 -12.11 -9.43
CA PRO B 226 -9.58 -11.05 -8.87
C PRO B 226 -8.94 -10.09 -9.92
N HIS C 2 25.99 -7.75 4.89
CA HIS C 2 25.76 -7.11 3.54
C HIS C 2 26.86 -6.12 3.27
N LYS C 3 27.85 -6.54 2.50
CA LYS C 3 29.04 -5.77 2.44
C LYS C 3 28.90 -4.38 1.79
N ILE C 4 28.23 -4.31 0.63
CA ILE C 4 28.16 -3.06 -0.10
C ILE C 4 27.41 -1.94 0.67
N LEU C 5 26.24 -2.26 1.20
CA LEU C 5 25.46 -1.30 1.95
C LEU C 5 26.15 -0.78 3.23
N HIS C 6 26.72 -1.73 4.01
CA HIS C 6 27.52 -1.35 5.22
C HIS C 6 28.65 -0.41 4.85
N ARG C 7 29.43 -0.77 3.83
CA ARG C 7 30.59 0.02 3.49
C ARG C 7 30.15 1.44 3.14
N LEU C 8 29.09 1.54 2.36
CA LEU C 8 28.61 2.82 1.93
C LEU C 8 28.03 3.58 3.05
N LEU C 9 27.44 2.89 4.02
CA LEU C 9 26.88 3.65 5.10
C LEU C 9 27.95 4.31 6.01
N GLN C 10 29.15 3.71 6.14
CA GLN C 10 30.37 4.32 6.83
C GLN C 10 31.08 5.51 6.22
N GLU C 11 31.15 5.59 4.88
CA GLU C 11 32.05 6.53 4.18
C GLU C 11 31.81 8.04 4.19
N GLY C 12 30.64 8.49 3.70
CA GLY C 12 30.28 9.94 3.48
C GLY C 12 30.77 10.97 4.53
N SER C 13 29.93 11.26 5.55
CA SER C 13 30.33 12.07 6.78
C SER C 13 31.85 12.17 7.03
N LYS D 3 -23.68 -13.91 -10.41
CA LYS D 3 -22.51 -14.56 -9.80
C LYS D 3 -23.13 -14.81 -8.47
N ILE D 4 -23.28 -13.83 -7.58
CA ILE D 4 -23.80 -14.01 -6.16
C ILE D 4 -23.65 -12.62 -5.63
N LEU D 5 -22.51 -12.04 -6.00
CA LEU D 5 -22.31 -10.68 -5.75
C LEU D 5 -23.33 -9.80 -6.50
N HIS D 6 -23.74 -10.19 -7.71
CA HIS D 6 -24.68 -9.38 -8.52
C HIS D 6 -26.02 -9.47 -7.88
N ARG D 7 -26.33 -10.74 -7.60
CA ARG D 7 -27.54 -11.11 -6.90
C ARG D 7 -27.71 -10.16 -5.71
N LEU D 8 -26.78 -10.26 -4.77
CA LEU D 8 -26.73 -9.47 -3.55
C LEU D 8 -26.82 -7.98 -3.73
N LEU D 9 -26.20 -7.49 -4.79
CA LEU D 9 -26.25 -6.09 -5.05
C LEU D 9 -27.49 -5.60 -5.70
N GLN D 10 -28.33 -6.49 -6.26
CA GLN D 10 -29.56 -5.98 -6.91
C GLN D 10 -30.77 -5.97 -6.07
N GLU D 11 -31.08 -7.10 -5.44
CA GLU D 11 -32.15 -7.09 -4.43
C GLU D 11 -31.63 -6.22 -3.28
N GLY D 12 -31.85 -4.91 -3.42
CA GLY D 12 -31.34 -3.87 -2.53
C GLY D 12 -32.40 -2.89 -2.08
#